data_7KR9
#
_entry.id   7KR9
#
_cell.length_a   92.872
_cell.length_b   92.872
_cell.length_c   280.703
_cell.angle_alpha   90.00
_cell.angle_beta   90.00
_cell.angle_gamma   120.00
#
_symmetry.space_group_name_H-M   'H 3 2'
#
loop_
_entity.id
_entity.type
_entity.pdbx_description
1 polymer 'Bifunctional protein GlmU'
2 non-polymer 'CALCIUM ION'
3 non-polymer 'ACETYL COENZYME *A'
4 non-polymer 'ZINC ION'
5 non-polymer GLYCEROL
6 water water
#
_entity_poly.entity_id   1
_entity_poly.type   'polypeptide(L)'
_entity_poly.pdbx_seq_one_letter_code
;MSNFAIILAAGKGTRMKSDLPKVLHKVAGISMLEHVFRSVGAIQPEKTVTVVGHKAELVEEVLAEQTEFVTQSEQLGTGH
AVMMTEPILEGLSGHTLVIAGDTPLITGESLKNLIDFHINHKNVATILTAETDNPFGYGRIVRNDNAEVLRIVEQKDATD
FEKQIKEINTGTYVFDNERLFEALKNINTNNAQGEYYITDVIGIFRETGEKVGAYTLKDFDESLGVNDRVALATAESVMR
RRINHKHMVNGVSFVNPEATYIDIDVEIAPEVQIEANVILKGQTKIGAETVLTNGTYVVDSTIGAGAVITNSMIEESSVA
DGVTVGPYAHIRPNSSLGAQVHIGNFVEVKGSSIGENTKAGHLTYIGNCEVGSNVNFGAGTITVNYDGKNKYKTVIGDNV
FVGSNSTIIAPVELGDNSLVGAGSTITKDVPADAIAIGRGRQINKDEYATRLPHHPKNQ
;
_entity_poly.pdbx_strand_id   A
#
# COMPACT_ATOMS: atom_id res chain seq x y z
N SER A 2 -18.70 -8.66 -24.84
CA SER A 2 -19.91 -7.99 -24.27
C SER A 2 -19.53 -6.75 -23.44
N ASN A 3 -18.42 -6.78 -22.70
CA ASN A 3 -17.97 -5.65 -21.81
C ASN A 3 -16.58 -5.16 -22.21
N PHE A 4 -16.44 -3.84 -22.35
CA PHE A 4 -15.16 -3.13 -22.56
C PHE A 4 -15.00 -2.05 -21.48
N ALA A 5 -13.77 -1.62 -21.29
CA ALA A 5 -13.40 -0.64 -20.25
C ALA A 5 -12.36 0.33 -20.81
N ILE A 6 -12.63 1.62 -20.65
CA ILE A 6 -11.67 2.73 -20.95
C ILE A 6 -11.39 3.43 -19.62
N ILE A 7 -10.11 3.54 -19.24
CA ILE A 7 -9.67 4.25 -18.01
C ILE A 7 -8.96 5.54 -18.44
N LEU A 8 -9.50 6.68 -18.01
CA LEU A 8 -8.97 8.04 -18.30
C LEU A 8 -7.90 8.40 -17.28
N ALA A 9 -6.62 8.42 -17.69
CA ALA A 9 -5.45 8.57 -16.81
C ALA A 9 -4.50 9.64 -17.37
N ALA A 10 -5.04 10.61 -18.10
CA ALA A 10 -4.29 11.70 -18.76
C ALA A 10 -4.78 13.06 -18.26
N GLY A 11 -5.82 13.09 -17.42
CA GLY A 11 -6.41 14.33 -16.88
C GLY A 11 -5.36 15.18 -16.20
N LYS A 12 -5.62 16.49 -16.03
CA LYS A 12 -4.72 17.47 -15.35
C LYS A 12 -4.48 17.03 -13.90
N GLY A 13 -3.26 17.31 -13.39
CA GLY A 13 -2.83 17.01 -12.01
C GLY A 13 -2.16 18.21 -11.34
N THR A 14 -2.39 19.43 -11.84
CA THR A 14 -1.78 20.69 -11.34
C THR A 14 -1.87 20.83 -9.80
N ARG A 15 -3.05 20.59 -9.24
CA ARG A 15 -3.33 20.86 -7.80
C ARG A 15 -2.61 19.85 -6.90
N MET A 16 -2.10 18.73 -7.47
CA MET A 16 -1.27 17.75 -6.71
C MET A 16 0.10 18.37 -6.39
N LYS A 17 0.58 19.32 -7.22
CA LYS A 17 1.93 19.92 -7.08
C LYS A 17 2.98 18.80 -7.06
N SER A 18 2.95 17.94 -8.07
CA SER A 18 3.75 16.70 -8.08
C SER A 18 4.42 16.52 -9.44
N ASP A 19 5.67 16.04 -9.41
CA ASP A 19 6.40 15.49 -10.57
C ASP A 19 5.92 14.05 -10.88
N LEU A 20 5.26 13.37 -9.93
CA LEU A 20 4.63 12.05 -10.18
C LEU A 20 3.25 12.27 -10.80
N PRO A 21 2.92 11.63 -11.94
CA PRO A 21 1.57 11.68 -12.47
C PRO A 21 0.53 11.32 -11.40
N LYS A 22 -0.59 12.04 -11.42
CA LYS A 22 -1.64 11.99 -10.37
C LYS A 22 -2.08 10.55 -10.07
N VAL A 23 -2.40 9.74 -11.08
CA VAL A 23 -3.08 8.43 -10.85
C VAL A 23 -2.10 7.42 -10.22
N LEU A 24 -0.80 7.72 -10.20
CA LEU A 24 0.22 6.81 -9.62
C LEU A 24 0.38 7.09 -8.12
N HIS A 25 -0.21 8.16 -7.58
CA HIS A 25 -0.14 8.43 -6.12
C HIS A 25 -0.82 7.29 -5.38
N LYS A 26 -0.19 6.80 -4.31
CA LYS A 26 -0.61 5.56 -3.63
C LYS A 26 -1.69 5.86 -2.60
N VAL A 27 -2.61 4.92 -2.48
CA VAL A 27 -3.64 4.84 -1.41
C VAL A 27 -3.53 3.44 -0.85
N ALA A 28 -3.14 3.31 0.41
CA ALA A 28 -3.05 2.01 1.11
C ALA A 28 -2.13 1.05 0.33
N GLY A 29 -1.02 1.55 -0.22
CA GLY A 29 0.08 0.69 -0.69
C GLY A 29 0.08 0.45 -2.19
N ILE A 30 -0.97 0.83 -2.94
CA ILE A 30 -1.02 0.73 -4.43
C ILE A 30 -1.52 2.04 -5.03
N SER A 31 -1.20 2.28 -6.30
CA SER A 31 -1.63 3.51 -7.02
C SER A 31 -3.16 3.56 -7.07
N MET A 32 -3.69 4.77 -7.14
CA MET A 32 -5.13 4.99 -7.43
C MET A 32 -5.50 4.25 -8.72
N LEU A 33 -4.63 4.30 -9.73
CA LEU A 33 -4.88 3.60 -11.02
C LEU A 33 -5.07 2.10 -10.77
N GLU A 34 -4.23 1.48 -9.93
CA GLU A 34 -4.34 0.02 -9.62
C GLU A 34 -5.64 -0.27 -8.89
N HIS A 35 -6.13 0.62 -8.03
CA HIS A 35 -7.45 0.43 -7.37
C HIS A 35 -8.54 0.40 -8.47
N VAL A 36 -8.48 1.33 -9.42
CA VAL A 36 -9.44 1.37 -10.56
C VAL A 36 -9.30 0.10 -11.41
N PHE A 37 -8.09 -0.36 -11.72
CA PHE A 37 -7.91 -1.65 -12.46
C PHE A 37 -8.65 -2.77 -11.74
N ARG A 38 -8.64 -2.79 -10.39
CA ARG A 38 -9.26 -3.89 -9.60
C ARG A 38 -10.79 -3.80 -9.66
N SER A 39 -11.37 -2.62 -9.52
CA SER A 39 -12.84 -2.41 -9.61
C SER A 39 -13.31 -2.76 -11.04
N VAL A 40 -12.54 -2.35 -12.06
CA VAL A 40 -12.83 -2.59 -13.51
C VAL A 40 -12.81 -4.10 -13.78
N GLY A 41 -11.93 -4.84 -13.10
CA GLY A 41 -11.80 -6.30 -13.24
C GLY A 41 -13.11 -7.02 -12.94
N ALA A 42 -13.94 -6.48 -12.05
CA ALA A 42 -15.21 -7.10 -11.60
C ALA A 42 -16.20 -7.22 -12.77
N ILE A 43 -16.05 -6.43 -13.85
CA ILE A 43 -16.95 -6.52 -15.04
C ILE A 43 -16.34 -7.44 -16.12
N GLN A 44 -15.19 -8.07 -15.86
CA GLN A 44 -14.61 -9.12 -16.75
C GLN A 44 -14.46 -8.58 -18.17
N PRO A 45 -13.86 -7.40 -18.38
CA PRO A 45 -13.86 -6.78 -19.71
C PRO A 45 -12.99 -7.58 -20.70
N GLU A 46 -13.45 -7.77 -21.94
CA GLU A 46 -12.70 -8.43 -23.05
C GLU A 46 -11.49 -7.56 -23.42
N LYS A 47 -11.65 -6.23 -23.40
CA LYS A 47 -10.57 -5.26 -23.67
C LYS A 47 -10.62 -4.16 -22.61
N THR A 48 -9.45 -3.70 -22.19
CA THR A 48 -9.26 -2.60 -21.23
C THR A 48 -8.25 -1.65 -21.86
N VAL A 49 -8.62 -0.38 -22.05
CA VAL A 49 -7.72 0.63 -22.68
C VAL A 49 -7.52 1.77 -21.67
N THR A 50 -6.25 2.08 -21.36
CA THR A 50 -5.87 3.17 -20.44
C THR A 50 -5.28 4.30 -21.28
N VAL A 51 -5.87 5.49 -21.17
CA VAL A 51 -5.43 6.73 -21.87
C VAL A 51 -4.50 7.49 -20.92
N VAL A 52 -3.23 7.66 -21.27
CA VAL A 52 -2.24 8.42 -20.45
C VAL A 52 -1.79 9.66 -21.24
N GLY A 53 -1.12 10.61 -20.58
CA GLY A 53 -0.62 11.86 -21.19
C GLY A 53 0.88 11.99 -21.05
N HIS A 54 1.36 13.14 -20.56
CA HIS A 54 2.79 13.39 -20.20
C HIS A 54 3.27 12.33 -19.20
N LYS A 55 4.57 12.00 -19.24
CA LYS A 55 5.20 10.95 -18.41
C LYS A 55 4.48 9.61 -18.64
N ALA A 56 3.94 9.41 -19.85
CA ALA A 56 3.26 8.16 -20.29
C ALA A 56 4.17 6.97 -19.99
N GLU A 57 5.45 7.09 -20.36
CA GLU A 57 6.50 6.07 -20.16
C GLU A 57 6.42 5.57 -18.71
N LEU A 58 6.36 6.50 -17.75
CA LEU A 58 6.41 6.19 -16.29
C LEU A 58 5.17 5.36 -15.89
N VAL A 59 3.97 5.77 -16.33
CA VAL A 59 2.70 5.06 -16.00
C VAL A 59 2.75 3.66 -16.62
N GLU A 60 3.17 3.56 -17.89
CA GLU A 60 3.39 2.29 -18.61
C GLU A 60 4.46 1.46 -17.88
N GLU A 61 5.54 2.08 -17.40
CA GLU A 61 6.59 1.42 -16.58
C GLU A 61 6.05 1.14 -15.18
N THR A 67 -3.58 -3.76 -18.77
CA THR A 67 -4.37 -2.97 -19.75
C THR A 67 -3.58 -2.72 -21.04
N GLU A 68 -4.29 -2.48 -22.15
CA GLU A 68 -3.75 -1.77 -23.34
C GLU A 68 -3.58 -0.29 -22.98
N PHE A 69 -2.59 0.38 -23.57
CA PHE A 69 -2.28 1.83 -23.35
C PHE A 69 -2.39 2.57 -24.69
N VAL A 70 -2.96 3.78 -24.67
CA VAL A 70 -2.89 4.78 -25.78
C VAL A 70 -2.53 6.14 -25.15
N THR A 71 -1.84 6.99 -25.92
CA THR A 71 -1.30 8.29 -25.45
C THR A 71 -2.22 9.43 -25.93
N GLN A 72 -2.46 10.41 -25.05
CA GLN A 72 -3.10 11.71 -25.36
C GLN A 72 -2.01 12.78 -25.21
N SER A 73 -1.36 13.14 -26.31
CA SER A 73 -0.24 14.11 -26.36
C SER A 73 -0.74 15.54 -26.08
N GLU A 74 -2.00 15.82 -26.43
CA GLU A 74 -2.64 17.15 -26.30
C GLU A 74 -3.87 17.05 -25.40
N GLN A 75 -4.04 18.03 -24.49
CA GLN A 75 -5.22 18.14 -23.59
C GLN A 75 -6.34 18.81 -24.37
N LEU A 76 -7.18 18.00 -25.01
CA LEU A 76 -8.36 18.46 -25.79
C LEU A 76 -9.64 17.89 -25.15
N GLY A 77 -9.58 17.52 -23.86
CA GLY A 77 -10.76 17.12 -23.07
C GLY A 77 -10.99 15.62 -23.07
N THR A 78 -11.91 15.14 -22.23
CA THR A 78 -12.24 13.70 -22.04
C THR A 78 -12.77 13.07 -23.34
N GLY A 79 -13.40 13.87 -24.21
CA GLY A 79 -13.90 13.39 -25.52
C GLY A 79 -12.76 12.94 -26.40
N HIS A 80 -11.74 13.79 -26.55
CA HIS A 80 -10.48 13.50 -27.27
C HIS A 80 -9.78 12.31 -26.61
N ALA A 81 -9.81 12.22 -25.27
CA ALA A 81 -9.20 11.12 -24.48
C ALA A 81 -9.82 9.79 -24.93
N VAL A 82 -11.15 9.71 -24.89
CA VAL A 82 -11.93 8.50 -25.27
C VAL A 82 -11.67 8.19 -26.75
N MET A 83 -11.52 9.22 -27.59
CA MET A 83 -11.28 9.05 -29.05
C MET A 83 -9.93 8.36 -29.27
N MET A 84 -8.97 8.49 -28.34
CA MET A 84 -7.63 7.87 -28.50
C MET A 84 -7.76 6.34 -28.43
N THR A 85 -8.91 5.81 -28.02
CA THR A 85 -9.21 4.35 -27.95
C THR A 85 -10.02 3.90 -29.19
N GLU A 86 -10.26 4.78 -30.15
CA GLU A 86 -11.08 4.47 -31.37
C GLU A 86 -10.45 3.32 -32.15
N PRO A 87 -9.13 3.38 -32.47
CA PRO A 87 -8.49 2.30 -33.21
C PRO A 87 -8.84 0.91 -32.65
N ILE A 88 -8.86 0.77 -31.32
CA ILE A 88 -8.97 -0.56 -30.64
C ILE A 88 -10.44 -0.95 -30.46
N LEU A 89 -11.39 -0.01 -30.31
CA LEU A 89 -12.78 -0.33 -29.90
C LEU A 89 -13.82 0.01 -30.98
N GLU A 90 -13.42 0.73 -32.04
CA GLU A 90 -14.34 1.13 -33.15
C GLU A 90 -14.88 -0.13 -33.82
N GLY A 91 -16.21 -0.25 -33.89
CA GLY A 91 -16.94 -1.29 -34.65
C GLY A 91 -17.51 -2.34 -33.73
N LEU A 92 -16.83 -2.59 -32.61
CA LEU A 92 -17.17 -3.68 -31.66
C LEU A 92 -18.53 -3.40 -31.01
N SER A 93 -19.27 -4.46 -30.72
CA SER A 93 -20.60 -4.43 -30.06
C SER A 93 -20.46 -4.86 -28.60
N GLY A 94 -21.32 -4.33 -27.73
CA GLY A 94 -21.26 -4.53 -26.26
C GLY A 94 -21.09 -3.22 -25.53
N HIS A 95 -21.03 -3.29 -24.19
CA HIS A 95 -21.20 -2.16 -23.24
C HIS A 95 -19.84 -1.72 -22.73
N THR A 96 -19.54 -0.42 -22.87
CA THR A 96 -18.19 0.15 -22.69
C THR A 96 -18.23 1.05 -21.46
N LEU A 97 -17.54 0.64 -20.40
CA LEU A 97 -17.37 1.44 -19.17
C LEU A 97 -16.35 2.55 -19.45
N VAL A 98 -16.68 3.80 -19.11
CA VAL A 98 -15.71 4.92 -19.09
C VAL A 98 -15.56 5.35 -17.62
N ILE A 99 -14.35 5.26 -17.09
CA ILE A 99 -14.04 5.54 -15.66
C ILE A 99 -12.71 6.30 -15.60
N ALA A 100 -12.60 7.24 -14.66
CA ALA A 100 -11.37 7.99 -14.37
C ALA A 100 -10.41 7.13 -13.51
N GLY A 101 -9.12 7.35 -13.71
CA GLY A 101 -8.05 6.72 -12.91
C GLY A 101 -7.95 7.33 -11.52
N ASP A 102 -8.69 8.41 -11.23
CA ASP A 102 -8.57 9.18 -9.98
C ASP A 102 -9.82 9.00 -9.10
N THR A 103 -10.64 7.98 -9.37
CA THR A 103 -11.77 7.57 -8.49
C THR A 103 -11.50 6.18 -7.94
N PRO A 104 -10.55 6.06 -6.99
CA PRO A 104 -10.13 4.73 -6.53
C PRO A 104 -11.07 4.06 -5.52
N LEU A 105 -12.11 4.75 -5.06
CA LEU A 105 -13.02 4.20 -4.01
C LEU A 105 -14.20 3.48 -4.66
N ILE A 106 -14.45 3.71 -5.94
CA ILE A 106 -15.58 3.00 -6.61
C ILE A 106 -15.27 1.51 -6.56
N THR A 107 -16.24 0.70 -6.14
CA THR A 107 -16.04 -0.76 -5.91
C THR A 107 -16.41 -1.55 -7.17
N GLY A 108 -15.88 -2.76 -7.28
CA GLY A 108 -16.34 -3.76 -8.26
C GLY A 108 -17.84 -3.98 -8.19
N GLU A 109 -18.41 -4.08 -6.99
CA GLU A 109 -19.88 -4.28 -6.79
C GLU A 109 -20.63 -3.14 -7.50
N SER A 110 -20.18 -1.90 -7.33
CA SER A 110 -20.81 -0.70 -7.94
C SER A 110 -20.73 -0.75 -9.46
N LEU A 111 -19.62 -1.20 -10.03
CA LEU A 111 -19.44 -1.26 -11.51
C LEU A 111 -20.22 -2.45 -12.09
N LYS A 112 -20.32 -3.56 -11.36
CA LYS A 112 -21.19 -4.71 -11.76
C LYS A 112 -22.65 -4.24 -11.81
N ASN A 113 -23.08 -3.45 -10.84
CA ASN A 113 -24.48 -2.97 -10.70
C ASN A 113 -24.77 -1.89 -11.76
N LEU A 114 -23.74 -1.20 -12.23
CA LEU A 114 -23.85 -0.16 -13.29
C LEU A 114 -24.12 -0.86 -14.64
N ILE A 115 -23.30 -1.86 -14.97
CA ILE A 115 -23.36 -2.60 -16.26
C ILE A 115 -24.67 -3.39 -16.32
N ASP A 116 -25.05 -4.02 -15.21
CA ASP A 116 -26.32 -4.81 -15.11
C ASP A 116 -27.50 -3.86 -15.32
N PHE A 117 -27.54 -2.72 -14.63
CA PHE A 117 -28.62 -1.71 -14.74
C PHE A 117 -28.74 -1.24 -16.21
N HIS A 118 -27.60 -1.07 -16.87
CA HIS A 118 -27.51 -0.63 -18.29
C HIS A 118 -28.06 -1.72 -19.22
N ILE A 119 -27.57 -2.97 -19.07
CA ILE A 119 -28.11 -4.17 -19.75
C ILE A 119 -29.63 -4.20 -19.52
N ASN A 120 -30.03 -4.21 -18.25
CA ASN A 120 -31.43 -4.21 -17.78
C ASN A 120 -32.28 -3.33 -18.72
N HIS A 121 -32.00 -2.03 -18.77
CA HIS A 121 -32.87 -0.98 -19.36
C HIS A 121 -32.53 -0.72 -20.83
N LYS A 122 -31.69 -1.57 -21.46
CA LYS A 122 -31.26 -1.47 -22.88
C LYS A 122 -30.92 0.00 -23.19
N ASN A 123 -30.16 0.64 -22.30
CA ASN A 123 -29.74 2.06 -22.44
C ASN A 123 -28.70 2.13 -23.56
N VAL A 124 -28.60 3.27 -24.23
CA VAL A 124 -27.46 3.57 -25.14
C VAL A 124 -26.34 4.14 -24.26
N ALA A 125 -26.68 4.92 -23.24
CA ALA A 125 -25.73 5.38 -22.20
C ALA A 125 -26.34 5.18 -20.82
N THR A 126 -25.51 4.88 -19.82
CA THR A 126 -25.86 4.93 -18.39
C THR A 126 -24.80 5.75 -17.65
N ILE A 127 -25.25 6.72 -16.86
CA ILE A 127 -24.40 7.58 -16.00
C ILE A 127 -24.35 6.95 -14.60
N LEU A 128 -23.16 6.80 -14.01
CA LEU A 128 -23.03 6.53 -12.56
C LEU A 128 -23.25 7.85 -11.82
N THR A 129 -24.35 7.95 -11.08
CA THR A 129 -24.71 9.18 -10.34
C THR A 129 -24.60 8.92 -8.83
N ALA A 130 -24.77 9.98 -8.05
CA ALA A 130 -24.81 9.97 -6.57
C ALA A 130 -25.58 11.21 -6.11
N GLU A 131 -26.11 11.17 -4.89
CA GLU A 131 -26.81 12.32 -4.25
C GLU A 131 -25.90 12.93 -3.17
N THR A 132 -25.79 14.25 -3.13
CA THR A 132 -25.11 15.05 -2.08
C THR A 132 -25.94 16.31 -1.81
N ASP A 133 -25.92 16.82 -0.58
CA ASP A 133 -26.68 18.04 -0.18
C ASP A 133 -25.90 19.29 -0.61
N ASN A 134 -24.64 19.13 -1.02
CA ASN A 134 -23.80 20.24 -1.51
C ASN A 134 -23.32 19.92 -2.93
N PRO A 135 -24.24 19.96 -3.93
CA PRO A 135 -23.89 19.59 -5.29
C PRO A 135 -23.21 20.71 -6.09
N PHE A 136 -22.79 21.81 -5.44
CA PHE A 136 -22.14 22.95 -6.11
C PHE A 136 -20.95 22.44 -6.95
N GLY A 137 -20.82 22.91 -8.20
CA GLY A 137 -19.68 22.63 -9.08
C GLY A 137 -19.90 21.40 -9.94
N TYR A 138 -20.80 20.49 -9.54
CA TYR A 138 -21.05 19.19 -10.21
C TYR A 138 -22.06 19.34 -11.34
N GLY A 139 -22.00 18.43 -12.30
CA GLY A 139 -23.06 18.24 -13.31
C GLY A 139 -24.30 17.66 -12.64
N ARG A 140 -25.48 18.25 -12.93
CA ARG A 140 -26.79 17.87 -12.34
C ARG A 140 -27.48 16.90 -13.31
N ILE A 141 -28.11 15.86 -12.77
CA ILE A 141 -28.87 14.85 -13.56
C ILE A 141 -30.33 15.31 -13.63
N VAL A 142 -30.81 15.67 -14.83
CA VAL A 142 -32.19 16.18 -15.03
C VAL A 142 -33.07 15.00 -15.44
N ARG A 143 -34.11 14.75 -14.64
CA ARG A 143 -35.13 13.69 -14.86
C ARG A 143 -36.49 14.36 -15.15
N ASN A 144 -37.47 13.56 -15.59
CA ASN A 144 -38.84 14.02 -15.96
C ASN A 144 -39.84 13.49 -14.91
N ASP A 145 -41.14 13.74 -15.13
CA ASP A 145 -42.27 13.19 -14.32
C ASP A 145 -42.12 11.67 -14.17
N ASN A 146 -41.81 10.97 -15.27
CA ASN A 146 -41.57 9.51 -15.33
C ASN A 146 -40.20 9.16 -14.71
N ALA A 147 -39.39 10.17 -14.39
CA ALA A 147 -38.09 10.08 -13.67
C ALA A 147 -37.02 9.42 -14.56
N GLU A 148 -37.13 9.58 -15.89
CA GLU A 148 -36.09 9.15 -16.87
C GLU A 148 -35.05 10.27 -16.99
N VAL A 149 -33.80 9.92 -17.32
CA VAL A 149 -32.66 10.89 -17.43
C VAL A 149 -32.77 11.63 -18.78
N LEU A 150 -33.02 12.94 -18.73
CA LEU A 150 -33.09 13.82 -19.94
C LEU A 150 -31.68 14.25 -20.34
N ARG A 151 -30.89 14.78 -19.41
CA ARG A 151 -29.58 15.42 -19.71
C ARG A 151 -28.73 15.63 -18.46
N ILE A 152 -27.45 15.97 -18.67
CA ILE A 152 -26.50 16.45 -17.63
C ILE A 152 -26.33 17.95 -17.84
N VAL A 153 -26.57 18.74 -16.80
CA VAL A 153 -26.42 20.23 -16.84
C VAL A 153 -25.28 20.62 -15.92
N GLU A 154 -24.22 21.22 -16.47
CA GLU A 154 -23.07 21.73 -15.68
C GLU A 154 -23.54 22.92 -14.85
N GLN A 155 -22.87 23.16 -13.72
CA GLN A 155 -23.15 24.26 -12.76
C GLN A 155 -23.35 25.58 -13.52
N LYS A 156 -22.46 25.88 -14.46
CA LYS A 156 -22.40 27.22 -15.12
C LYS A 156 -23.63 27.40 -16.01
N ASP A 157 -24.23 26.30 -16.47
CA ASP A 157 -25.40 26.29 -17.39
C ASP A 157 -26.71 26.14 -16.60
N ALA A 158 -26.63 25.71 -15.34
CA ALA A 158 -27.80 25.37 -14.49
C ALA A 158 -28.69 26.61 -14.28
N THR A 159 -30.00 26.46 -14.51
CA THR A 159 -31.05 27.40 -14.01
C THR A 159 -31.08 27.28 -12.48
N ASP A 160 -31.65 28.28 -11.79
CA ASP A 160 -31.74 28.29 -10.30
C ASP A 160 -32.49 27.04 -9.83
N PHE A 161 -33.48 26.59 -10.60
CA PHE A 161 -34.29 25.37 -10.31
C PHE A 161 -33.38 24.13 -10.44
N GLU A 162 -32.54 24.10 -11.48
CA GLU A 162 -31.58 23.00 -11.77
C GLU A 162 -30.49 22.96 -10.68
N LYS A 163 -30.07 24.10 -10.14
CA LYS A 163 -29.03 24.17 -9.07
C LYS A 163 -29.51 23.38 -7.84
N GLN A 164 -30.83 23.33 -7.61
CA GLN A 164 -31.49 22.59 -6.51
C GLN A 164 -31.24 21.08 -6.62
N ILE A 165 -31.03 20.57 -7.84
CA ILE A 165 -30.82 19.11 -8.11
C ILE A 165 -29.61 18.64 -7.28
N LYS A 166 -29.77 17.51 -6.59
CA LYS A 166 -28.78 16.95 -5.64
C LYS A 166 -28.12 15.72 -6.25
N GLU A 167 -28.73 15.14 -7.28
CA GLU A 167 -28.15 14.00 -8.03
C GLU A 167 -27.08 14.57 -8.98
N ILE A 168 -25.84 14.08 -8.88
CA ILE A 168 -24.69 14.61 -9.66
C ILE A 168 -24.08 13.50 -10.52
N ASN A 169 -23.40 13.92 -11.58
CA ASN A 169 -22.57 13.09 -12.48
C ASN A 169 -21.24 12.79 -11.76
N THR A 170 -20.85 11.52 -11.61
CA THR A 170 -19.55 11.10 -11.00
C THR A 170 -18.47 11.03 -12.08
N GLY A 171 -18.84 11.19 -13.35
CA GLY A 171 -17.92 11.07 -14.49
C GLY A 171 -17.56 9.63 -14.76
N THR A 172 -18.43 8.70 -14.37
CA THR A 172 -18.31 7.26 -14.67
C THR A 172 -19.52 6.88 -15.55
N TYR A 173 -19.30 6.14 -16.63
CA TYR A 173 -20.36 5.84 -17.62
C TYR A 173 -20.21 4.43 -18.18
N VAL A 174 -21.34 3.91 -18.69
CA VAL A 174 -21.40 2.77 -19.63
C VAL A 174 -22.13 3.27 -20.89
N PHE A 175 -21.55 3.02 -22.06
CA PHE A 175 -22.11 3.37 -23.39
C PHE A 175 -22.26 2.12 -24.25
N ASP A 176 -23.29 2.07 -25.09
CA ASP A 176 -23.29 1.16 -26.26
C ASP A 176 -22.06 1.57 -27.08
N ASN A 177 -21.10 0.67 -27.27
CA ASN A 177 -19.76 0.98 -27.84
C ASN A 177 -19.93 1.60 -29.24
N GLU A 178 -20.77 1.01 -30.09
CA GLU A 178 -20.93 1.43 -31.52
C GLU A 178 -21.29 2.92 -31.58
N ARG A 179 -22.37 3.31 -30.90
CA ARG A 179 -22.91 4.69 -30.89
C ARG A 179 -21.85 5.67 -30.38
N LEU A 180 -21.21 5.34 -29.25
CA LEU A 180 -20.22 6.19 -28.54
C LEU A 180 -19.17 6.70 -29.53
N PHE A 181 -18.56 5.83 -30.33
CA PHE A 181 -17.50 6.23 -31.30
C PHE A 181 -18.10 7.02 -32.47
N GLU A 182 -19.36 6.74 -32.80
CA GLU A 182 -20.13 7.47 -33.85
C GLU A 182 -20.41 8.90 -33.35
N ALA A 183 -20.94 9.05 -32.14
CA ALA A 183 -21.29 10.35 -31.53
C ALA A 183 -20.03 11.23 -31.37
N LEU A 184 -18.89 10.66 -30.97
CA LEU A 184 -17.62 11.40 -30.77
C LEU A 184 -17.12 11.99 -32.11
N LYS A 185 -17.11 11.20 -33.19
CA LYS A 185 -16.69 11.65 -34.55
C LYS A 185 -17.54 12.85 -34.96
N ASN A 186 -18.86 12.72 -34.81
CA ASN A 186 -19.88 13.76 -35.05
C ASN A 186 -19.44 15.05 -34.34
N ILE A 187 -19.33 15.02 -33.01
CA ILE A 187 -18.96 16.21 -32.19
C ILE A 187 -17.62 16.74 -32.72
N ASN A 188 -16.61 15.88 -32.81
CA ASN A 188 -15.22 16.24 -33.24
C ASN A 188 -15.28 17.09 -34.53
N THR A 189 -15.99 16.61 -35.57
CA THR A 189 -15.99 17.17 -36.95
C THR A 189 -16.84 18.45 -37.03
N ASN A 190 -17.94 18.54 -36.26
CA ASN A 190 -18.95 19.64 -36.36
C ASN A 190 -18.88 20.55 -35.12
N ASN A 191 -17.82 20.43 -34.31
CA ASN A 191 -17.65 21.04 -32.96
C ASN A 191 -17.52 22.57 -33.06
N ALA A 192 -16.89 23.06 -34.14
CA ALA A 192 -16.44 24.47 -34.32
C ALA A 192 -15.56 24.90 -33.13
N GLN A 193 -14.73 23.99 -32.61
CA GLN A 193 -13.91 24.20 -31.38
C GLN A 193 -12.91 23.03 -31.22
N GLY A 194 -11.83 23.25 -30.46
CA GLY A 194 -10.75 22.29 -30.22
C GLY A 194 -11.17 21.19 -29.27
N GLU A 195 -11.48 21.55 -28.02
CA GLU A 195 -11.79 20.59 -26.92
C GLU A 195 -13.15 19.94 -27.16
N TYR A 196 -13.33 18.71 -26.67
CA TYR A 196 -14.66 18.06 -26.54
C TYR A 196 -14.64 17.09 -25.36
N TYR A 197 -15.84 16.77 -24.86
CA TYR A 197 -16.11 16.17 -23.53
C TYR A 197 -17.02 14.96 -23.70
N ILE A 198 -16.80 13.93 -22.89
CA ILE A 198 -17.61 12.67 -22.92
C ILE A 198 -19.07 13.06 -22.65
N THR A 199 -19.31 14.09 -21.83
CA THR A 199 -20.68 14.59 -21.54
C THR A 199 -21.35 15.13 -22.82
N ASP A 200 -20.57 15.54 -23.83
CA ASP A 200 -21.13 16.03 -25.12
C ASP A 200 -21.92 14.91 -25.81
N VAL A 201 -21.54 13.65 -25.59
CA VAL A 201 -22.20 12.44 -26.17
C VAL A 201 -23.63 12.34 -25.60
N ILE A 202 -23.80 12.65 -24.32
CA ILE A 202 -25.14 12.62 -23.66
C ILE A 202 -26.05 13.67 -24.32
N GLY A 203 -25.52 14.85 -24.62
CA GLY A 203 -26.23 15.92 -25.36
C GLY A 203 -26.74 15.42 -26.72
N ILE A 204 -25.90 14.70 -27.47
CA ILE A 204 -26.23 14.16 -28.82
C ILE A 204 -27.37 13.15 -28.69
N PHE A 205 -27.31 12.25 -27.70
CA PHE A 205 -28.35 11.22 -27.45
C PHE A 205 -29.69 11.90 -27.13
N ARG A 206 -29.64 13.06 -26.47
CA ARG A 206 -30.83 13.91 -26.19
C ARG A 206 -31.42 14.42 -27.51
N GLU A 207 -30.57 14.81 -28.47
CA GLU A 207 -30.97 15.29 -29.82
C GLU A 207 -31.69 14.19 -30.60
N THR A 208 -31.29 12.92 -30.43
CA THR A 208 -31.79 11.76 -31.21
C THR A 208 -32.90 11.02 -30.44
N GLY A 209 -33.09 11.33 -29.15
CA GLY A 209 -34.04 10.63 -28.27
C GLY A 209 -33.55 9.25 -27.85
N GLU A 210 -32.27 8.95 -28.10
CA GLU A 210 -31.65 7.67 -27.69
C GLU A 210 -31.64 7.59 -26.16
N LYS A 211 -31.86 6.39 -25.63
CA LYS A 211 -32.21 6.18 -24.21
C LYS A 211 -30.94 6.29 -23.37
N VAL A 212 -30.95 7.22 -22.41
CA VAL A 212 -29.87 7.42 -21.39
C VAL A 212 -30.49 7.21 -20.00
N GLY A 213 -29.84 6.40 -19.17
CA GLY A 213 -30.25 6.12 -17.78
C GLY A 213 -29.14 6.46 -16.80
N ALA A 214 -29.46 6.51 -15.50
CA ALA A 214 -28.55 6.81 -14.37
C ALA A 214 -28.72 5.76 -13.26
N TYR A 215 -27.61 5.14 -12.84
CA TYR A 215 -27.54 4.28 -11.63
C TYR A 215 -26.88 5.09 -10.51
N THR A 216 -27.59 5.27 -9.39
CA THR A 216 -27.17 6.11 -8.25
C THR A 216 -26.40 5.24 -7.25
N LEU A 217 -25.20 5.68 -6.85
CA LEU A 217 -24.45 5.10 -5.70
C LEU A 217 -25.24 5.40 -4.42
N LYS A 218 -25.43 4.39 -3.58
CA LYS A 218 -25.97 4.57 -2.20
C LYS A 218 -25.07 5.58 -1.45
N ASP A 219 -23.75 5.47 -1.65
CA ASP A 219 -22.72 6.23 -0.88
C ASP A 219 -22.01 7.26 -1.76
N PHE A 220 -22.34 8.54 -1.60
CA PHE A 220 -21.74 9.65 -2.37
C PHE A 220 -20.21 9.68 -2.21
N ASP A 221 -19.71 9.31 -1.04
CA ASP A 221 -18.26 9.45 -0.69
C ASP A 221 -17.44 8.45 -1.52
N GLU A 222 -18.07 7.37 -2.02
CA GLU A 222 -17.44 6.35 -2.88
C GLU A 222 -17.00 6.98 -4.22
N SER A 223 -17.61 8.08 -4.64
CA SER A 223 -17.45 8.69 -5.99
C SER A 223 -16.29 9.70 -6.03
N LEU A 224 -15.61 9.94 -4.89
CA LEU A 224 -14.52 10.93 -4.77
C LEU A 224 -13.55 10.85 -5.95
N GLY A 225 -13.35 11.98 -6.61
CA GLY A 225 -12.34 12.19 -7.64
C GLY A 225 -11.21 12.99 -7.06
N VAL A 226 -10.03 12.38 -6.93
CA VAL A 226 -8.87 12.99 -6.24
C VAL A 226 -8.16 13.97 -7.18
N ASN A 227 -8.19 15.25 -6.81
CA ASN A 227 -7.56 16.36 -7.56
C ASN A 227 -6.38 16.94 -6.77
N ASP A 228 -6.34 16.71 -5.45
CA ASP A 228 -5.26 17.28 -4.59
C ASP A 228 -4.96 16.33 -3.42
N ARG A 229 -4.01 16.70 -2.57
CA ARG A 229 -3.52 15.84 -1.49
C ARG A 229 -4.53 15.83 -0.32
N VAL A 230 -5.45 16.80 -0.26
CA VAL A 230 -6.58 16.79 0.70
C VAL A 230 -7.44 15.58 0.33
N ALA A 231 -7.86 15.49 -0.92
CA ALA A 231 -8.72 14.39 -1.41
C ALA A 231 -7.91 13.08 -1.35
N LEU A 232 -6.60 13.12 -1.61
CA LEU A 232 -5.78 11.88 -1.47
C LEU A 232 -5.89 11.35 -0.04
N ALA A 233 -5.77 12.21 0.96
CA ALA A 233 -5.86 11.78 2.36
C ALA A 233 -7.28 11.25 2.68
N THR A 234 -8.33 11.87 2.16
CA THR A 234 -9.72 11.37 2.35
C THR A 234 -9.80 9.96 1.76
N ALA A 235 -9.26 9.75 0.58
CA ALA A 235 -9.26 8.41 -0.05
C ALA A 235 -8.53 7.41 0.84
N GLU A 236 -7.38 7.79 1.40
CA GLU A 236 -6.60 6.96 2.35
C GLU A 236 -7.49 6.61 3.53
N SER A 237 -8.22 7.59 4.07
CA SER A 237 -9.08 7.37 5.26
C SER A 237 -10.18 6.34 4.95
N VAL A 238 -10.85 6.47 3.82
CA VAL A 238 -11.94 5.54 3.42
C VAL A 238 -11.36 4.14 3.20
N MET A 239 -10.25 4.04 2.47
CA MET A 239 -9.66 2.72 2.10
C MET A 239 -9.14 2.06 3.39
N ARG A 240 -8.52 2.83 4.28
CA ARG A 240 -8.04 2.32 5.60
C ARG A 240 -9.23 1.73 6.38
N ARG A 241 -10.33 2.45 6.44
CA ARG A 241 -11.56 2.02 7.15
C ARG A 241 -12.09 0.73 6.52
N ARG A 242 -12.15 0.68 5.18
CA ARG A 242 -12.63 -0.50 4.41
C ARG A 242 -11.76 -1.72 4.73
N ILE A 243 -10.45 -1.58 4.62
CA ILE A 243 -9.50 -2.69 4.89
C ILE A 243 -9.69 -3.18 6.33
N ASN A 244 -9.68 -2.25 7.28
CA ASN A 244 -9.66 -2.59 8.72
C ASN A 244 -11.00 -3.22 9.10
N HIS A 245 -12.09 -2.78 8.49
CA HIS A 245 -13.43 -3.36 8.71
C HIS A 245 -13.41 -4.85 8.34
N LYS A 246 -12.91 -5.17 7.14
CA LYS A 246 -12.77 -6.56 6.63
C LYS A 246 -11.98 -7.41 7.62
N HIS A 247 -10.85 -6.93 8.15
CA HIS A 247 -10.00 -7.65 9.13
C HIS A 247 -10.79 -7.89 10.43
N MET A 248 -11.52 -6.87 10.91
CA MET A 248 -12.33 -7.04 12.16
C MET A 248 -13.44 -8.09 11.97
N VAL A 249 -14.17 -8.05 10.86
CA VAL A 249 -15.22 -9.06 10.54
C VAL A 249 -14.56 -10.45 10.51
N ASN A 250 -13.31 -10.54 10.04
CA ASN A 250 -12.55 -11.81 9.89
CA ASN A 250 -12.52 -11.79 9.89
C ASN A 250 -11.90 -12.20 11.22
N GLY A 251 -12.14 -11.49 12.31
CA GLY A 251 -11.66 -11.89 13.64
C GLY A 251 -10.34 -11.26 14.06
N VAL A 252 -10.01 -10.08 13.57
CA VAL A 252 -8.80 -9.34 14.05
C VAL A 252 -9.26 -8.19 14.96
N SER A 253 -8.72 -8.14 16.19
CA SER A 253 -9.02 -7.04 17.15
C SER A 253 -8.13 -5.82 16.84
N PHE A 254 -8.73 -4.64 16.84
CA PHE A 254 -8.05 -3.33 16.70
C PHE A 254 -8.40 -2.44 17.90
N VAL A 255 -7.39 -2.00 18.62
CA VAL A 255 -7.59 -0.95 19.67
C VAL A 255 -8.18 0.29 19.00
N ASN A 256 -7.68 0.64 17.82
CA ASN A 256 -8.17 1.85 17.12
C ASN A 256 -8.04 1.70 15.61
N PRO A 257 -9.11 1.18 14.95
CA PRO A 257 -9.05 0.95 13.51
C PRO A 257 -8.99 2.23 12.66
N GLU A 258 -9.31 3.39 13.23
CA GLU A 258 -9.19 4.71 12.57
C GLU A 258 -7.73 5.20 12.57
N ALA A 259 -6.82 4.58 13.34
CA ALA A 259 -5.40 4.99 13.43
C ALA A 259 -4.46 3.78 13.33
N THR A 260 -4.79 2.80 12.48
CA THR A 260 -3.98 1.61 12.18
C THR A 260 -3.85 1.54 10.65
N TYR A 261 -2.63 1.35 10.16
CA TYR A 261 -2.25 1.62 8.75
C TYR A 261 -1.88 0.29 8.08
N ILE A 262 -2.88 -0.36 7.48
CA ILE A 262 -2.71 -1.72 6.89
C ILE A 262 -2.93 -1.63 5.36
N ASP A 263 -1.88 -1.94 4.59
CA ASP A 263 -1.94 -1.92 3.10
C ASP A 263 -2.96 -2.96 2.60
N ILE A 264 -3.43 -2.73 1.37
CA ILE A 264 -4.57 -3.42 0.73
C ILE A 264 -4.38 -4.94 0.64
N ASP A 265 -3.15 -5.44 0.51
CA ASP A 265 -2.93 -6.89 0.21
C ASP A 265 -2.36 -7.60 1.45
N VAL A 266 -2.21 -6.90 2.58
CA VAL A 266 -1.71 -7.56 3.81
C VAL A 266 -2.71 -8.64 4.22
N GLU A 267 -2.22 -9.81 4.61
CA GLU A 267 -3.05 -10.93 5.10
C GLU A 267 -2.87 -11.07 6.61
N ILE A 268 -3.97 -11.24 7.32
CA ILE A 268 -3.98 -11.27 8.79
C ILE A 268 -4.90 -12.40 9.24
N ALA A 269 -4.34 -13.36 9.93
CA ALA A 269 -5.11 -14.53 10.41
C ALA A 269 -6.10 -14.08 11.48
N PRO A 270 -7.21 -14.82 11.66
CA PRO A 270 -8.08 -14.61 12.82
C PRO A 270 -7.36 -14.70 14.17
N GLU A 271 -7.83 -13.89 15.13
CA GLU A 271 -7.42 -13.85 16.56
C GLU A 271 -6.15 -12.99 16.74
N VAL A 272 -5.64 -12.40 15.68
CA VAL A 272 -4.55 -11.38 15.81
C VAL A 272 -5.10 -10.19 16.60
N GLN A 273 -4.26 -9.62 17.47
CA GLN A 273 -4.58 -8.37 18.22
CA GLN A 273 -4.56 -8.40 18.24
C GLN A 273 -3.62 -7.28 17.77
N ILE A 274 -4.19 -6.17 17.34
CA ILE A 274 -3.41 -5.02 16.83
C ILE A 274 -3.72 -3.80 17.69
N GLU A 275 -2.71 -3.28 18.37
CA GLU A 275 -2.81 -1.97 19.06
C GLU A 275 -2.94 -0.84 18.03
N ALA A 276 -3.23 0.38 18.47
CA ALA A 276 -3.27 1.54 17.56
C ALA A 276 -1.87 1.73 17.00
N ASN A 277 -1.79 2.43 15.87
CA ASN A 277 -0.53 3.01 15.35
C ASN A 277 0.43 1.86 14.99
N VAL A 278 -0.13 0.77 14.48
CA VAL A 278 0.61 -0.33 13.81
C VAL A 278 0.60 -0.05 12.30
N ILE A 279 1.73 -0.27 11.65
CA ILE A 279 1.89 -0.17 10.18
C ILE A 279 2.28 -1.54 9.61
N LEU A 280 1.48 -2.03 8.68
CA LEU A 280 1.73 -3.29 7.92
C LEU A 280 1.70 -2.97 6.43
N LYS A 281 2.80 -3.25 5.72
CA LYS A 281 2.96 -2.81 4.32
C LYS A 281 3.33 -3.97 3.41
N GLY A 282 2.90 -3.85 2.16
CA GLY A 282 3.31 -4.72 1.06
C GLY A 282 2.81 -6.13 1.26
N GLN A 283 3.64 -7.11 0.92
CA GLN A 283 3.25 -8.54 0.93
C GLN A 283 3.53 -9.06 2.33
N THR A 284 2.82 -8.53 3.33
CA THR A 284 2.98 -8.93 4.75
C THR A 284 1.88 -9.93 5.11
N LYS A 285 2.22 -10.93 5.93
CA LYS A 285 1.32 -11.99 6.39
C LYS A 285 1.56 -12.17 7.89
N ILE A 286 0.48 -12.16 8.65
CA ILE A 286 0.50 -12.28 10.12
C ILE A 286 -0.28 -13.53 10.50
N GLY A 287 0.35 -14.42 11.26
CA GLY A 287 -0.25 -15.69 11.70
C GLY A 287 -1.14 -15.55 12.94
N ALA A 288 -1.88 -16.62 13.26
CA ALA A 288 -2.98 -16.61 14.24
C ALA A 288 -2.47 -16.26 15.65
N GLU A 289 -3.22 -15.41 16.34
CA GLU A 289 -3.05 -15.07 17.77
C GLU A 289 -1.80 -14.21 17.97
N THR A 290 -1.20 -13.71 16.91
CA THR A 290 -0.02 -12.85 17.10
C THR A 290 -0.48 -11.48 17.57
N VAL A 291 0.38 -10.88 18.38
CA VAL A 291 0.10 -9.58 19.06
C VAL A 291 1.05 -8.58 18.40
N LEU A 292 0.53 -7.45 17.92
CA LEU A 292 1.36 -6.39 17.33
C LEU A 292 1.12 -5.14 18.19
N THR A 293 2.13 -4.61 18.86
CA THR A 293 1.94 -3.45 19.75
C THR A 293 2.24 -2.15 18.99
N ASN A 294 1.76 -1.07 19.59
CA ASN A 294 1.88 0.34 19.12
C ASN A 294 3.29 0.60 18.60
N GLY A 295 3.39 1.05 17.36
CA GLY A 295 4.65 1.50 16.75
C GLY A 295 5.28 0.43 15.87
N THR A 296 4.74 -0.78 15.91
CA THR A 296 5.23 -1.92 15.09
C THR A 296 5.05 -1.53 13.62
N TYR A 297 6.05 -1.84 12.83
CA TYR A 297 6.14 -1.42 11.41
C TYR A 297 6.70 -2.61 10.64
N VAL A 298 5.86 -3.23 9.81
CA VAL A 298 6.24 -4.47 9.10
C VAL A 298 6.09 -4.23 7.60
N VAL A 299 7.15 -4.50 6.85
CA VAL A 299 7.19 -4.36 5.36
C VAL A 299 7.58 -5.71 4.74
N ASP A 300 6.76 -6.26 3.83
CA ASP A 300 7.10 -7.43 2.97
C ASP A 300 7.69 -8.57 3.82
N SER A 301 7.04 -8.92 4.93
CA SER A 301 7.51 -9.95 5.87
C SER A 301 6.39 -10.93 6.21
N THR A 302 6.79 -12.14 6.55
CA THR A 302 5.90 -13.19 7.07
C THR A 302 6.17 -13.33 8.56
N ILE A 303 5.12 -13.24 9.37
CA ILE A 303 5.17 -13.43 10.84
C ILE A 303 4.27 -14.62 11.17
N GLY A 304 4.80 -15.57 11.91
CA GLY A 304 4.09 -16.78 12.35
C GLY A 304 2.98 -16.52 13.37
N ALA A 305 2.49 -17.61 13.94
CA ALA A 305 1.42 -17.68 14.95
C ALA A 305 2.01 -17.53 16.34
N GLY A 306 1.26 -16.92 17.25
CA GLY A 306 1.63 -16.78 18.67
C GLY A 306 2.91 -15.99 18.86
N ALA A 307 3.24 -15.09 17.95
CA ALA A 307 4.37 -14.15 18.06
C ALA A 307 3.90 -12.90 18.81
N VAL A 308 4.85 -12.16 19.35
CA VAL A 308 4.56 -10.85 19.97
C VAL A 308 5.59 -9.88 19.44
N ILE A 309 5.13 -8.93 18.64
CA ILE A 309 6.02 -7.90 18.05
C ILE A 309 5.72 -6.62 18.80
N THR A 310 6.67 -6.20 19.64
CA THR A 310 6.52 -5.03 20.50
C THR A 310 7.29 -3.85 19.88
N ASN A 311 6.60 -2.83 19.38
CA ASN A 311 7.25 -1.56 18.93
C ASN A 311 8.56 -1.83 18.18
N SER A 312 8.50 -2.59 17.07
CA SER A 312 9.68 -3.00 16.29
C SER A 312 9.42 -2.89 14.79
N MET A 313 10.51 -2.77 14.06
CA MET A 313 10.49 -2.59 12.60
C MET A 313 11.08 -3.84 11.96
N ILE A 314 10.30 -4.48 11.09
CA ILE A 314 10.65 -5.78 10.46
C ILE A 314 10.43 -5.65 8.97
N GLU A 315 11.49 -5.91 8.20
CA GLU A 315 11.50 -5.65 6.75
C GLU A 315 12.07 -6.85 6.02
N GLU A 316 11.35 -7.29 4.97
CA GLU A 316 11.79 -8.33 4.00
C GLU A 316 12.42 -9.50 4.75
N SER A 317 11.70 -10.00 5.74
CA SER A 317 12.20 -11.05 6.67
C SER A 317 11.09 -12.06 6.98
N SER A 318 11.49 -13.21 7.47
CA SER A 318 10.59 -14.29 7.93
C SER A 318 10.78 -14.45 9.43
N VAL A 319 9.66 -14.55 10.14
CA VAL A 319 9.61 -14.65 11.62
C VAL A 319 8.72 -15.84 11.93
N ALA A 320 9.26 -16.83 12.63
CA ALA A 320 8.57 -18.11 12.86
C ALA A 320 7.55 -17.96 14.01
N ASP A 321 6.86 -19.05 14.33
CA ASP A 321 5.88 -19.10 15.45
C ASP A 321 6.57 -18.80 16.79
N GLY A 322 5.87 -18.16 17.73
CA GLY A 322 6.34 -17.99 19.12
C GLY A 322 7.43 -16.95 19.29
N VAL A 323 7.85 -16.24 18.24
CA VAL A 323 9.00 -15.30 18.30
C VAL A 323 8.54 -14.06 19.09
N THR A 324 9.42 -13.53 19.92
CA THR A 324 9.24 -12.24 20.62
C THR A 324 10.27 -11.26 20.07
N VAL A 325 9.81 -10.09 19.63
CA VAL A 325 10.69 -9.03 19.10
C VAL A 325 10.33 -7.73 19.82
N GLY A 326 11.34 -7.08 20.41
CA GLY A 326 11.21 -5.68 20.86
C GLY A 326 11.28 -5.58 22.36
N PRO A 327 11.03 -4.38 22.93
CA PRO A 327 10.69 -3.19 22.16
C PRO A 327 11.93 -2.60 21.48
N TYR A 328 11.71 -1.78 20.47
CA TYR A 328 12.77 -1.01 19.76
C TYR A 328 13.83 -1.97 19.19
N ALA A 329 13.38 -2.95 18.40
CA ALA A 329 14.27 -3.83 17.60
C ALA A 329 14.08 -3.54 16.10
N HIS A 330 15.10 -3.88 15.33
CA HIS A 330 15.15 -3.64 13.86
C HIS A 330 15.60 -4.91 13.16
N ILE A 331 14.65 -5.60 12.53
CA ILE A 331 14.93 -6.83 11.74
C ILE A 331 14.99 -6.40 10.28
N ARG A 332 16.20 -6.36 9.72
CA ARG A 332 16.47 -5.75 8.41
C ARG A 332 16.36 -6.84 7.34
N PRO A 333 16.34 -6.44 6.07
CA PRO A 333 16.12 -7.39 4.98
C PRO A 333 16.98 -8.67 5.00
N ASN A 334 16.35 -9.76 4.57
CA ASN A 334 16.93 -11.10 4.35
C ASN A 334 17.34 -11.71 5.69
N SER A 335 16.54 -11.46 6.73
CA SER A 335 16.68 -12.10 8.05
C SER A 335 15.65 -13.23 8.18
N SER A 336 16.00 -14.27 8.91
CA SER A 336 15.02 -15.31 9.33
C SER A 336 15.21 -15.54 10.83
N LEU A 337 14.11 -15.43 11.58
CA LEU A 337 14.06 -15.72 13.03
C LEU A 337 13.36 -17.06 13.20
N GLY A 338 14.07 -18.05 13.70
CA GLY A 338 13.49 -19.39 13.94
C GLY A 338 12.49 -19.41 15.09
N ALA A 339 11.83 -20.55 15.30
CA ALA A 339 10.76 -20.75 16.30
C ALA A 339 11.26 -20.32 17.68
N GLN A 340 10.43 -19.55 18.39
CA GLN A 340 10.65 -19.11 19.79
C GLN A 340 11.90 -18.24 19.97
N VAL A 341 12.52 -17.73 18.91
CA VAL A 341 13.64 -16.77 19.03
C VAL A 341 13.15 -15.55 19.83
N HIS A 342 14.01 -15.00 20.68
CA HIS A 342 13.79 -13.69 21.37
C HIS A 342 14.82 -12.68 20.87
N ILE A 343 14.33 -11.57 20.35
CA ILE A 343 15.15 -10.38 19.97
C ILE A 343 14.63 -9.26 20.88
N GLY A 344 15.50 -8.75 21.76
CA GLY A 344 15.09 -7.77 22.78
C GLY A 344 15.33 -6.36 22.30
N ASN A 345 15.48 -5.43 23.24
CA ASN A 345 15.55 -3.99 22.92
C ASN A 345 16.91 -3.61 22.33
N PHE A 346 16.88 -2.67 21.38
CA PHE A 346 18.08 -2.05 20.78
C PHE A 346 18.90 -3.16 20.13
N VAL A 347 18.24 -4.10 19.46
CA VAL A 347 18.93 -5.18 18.68
C VAL A 347 18.62 -4.99 17.19
N GLU A 348 19.64 -5.11 16.36
CA GLU A 348 19.54 -5.05 14.90
C GLU A 348 20.01 -6.40 14.35
N VAL A 349 19.18 -7.00 13.51
CA VAL A 349 19.51 -8.25 12.77
C VAL A 349 19.47 -7.93 11.30
N LYS A 350 20.51 -8.28 10.56
CA LYS A 350 20.55 -7.98 9.10
C LYS A 350 21.16 -9.16 8.36
N GLY A 351 20.51 -9.64 7.30
CA GLY A 351 21.07 -10.68 6.39
C GLY A 351 21.52 -11.90 7.16
N SER A 352 20.80 -12.28 8.21
CA SER A 352 21.24 -13.35 9.14
C SER A 352 20.10 -14.35 9.32
N SER A 353 20.45 -15.63 9.45
CA SER A 353 19.52 -16.70 9.86
C SER A 353 19.80 -17.01 11.33
N ILE A 354 18.74 -17.02 12.14
CA ILE A 354 18.84 -17.29 13.60
C ILE A 354 18.02 -18.54 13.93
N GLY A 355 18.66 -19.57 14.48
CA GLY A 355 18.03 -20.87 14.77
C GLY A 355 17.10 -20.80 15.96
N GLU A 356 16.33 -21.86 16.20
CA GLU A 356 15.22 -21.87 17.16
C GLU A 356 15.74 -21.68 18.58
N ASN A 357 14.94 -20.98 19.39
CA ASN A 357 15.18 -20.68 20.82
C ASN A 357 16.40 -19.78 21.04
N THR A 358 17.06 -19.26 20.00
CA THR A 358 18.21 -18.34 20.19
C THR A 358 17.70 -17.01 20.77
N LYS A 359 18.48 -16.42 21.68
CA LYS A 359 18.17 -15.17 22.41
C LYS A 359 19.24 -14.11 22.13
N ALA A 360 18.82 -12.93 21.67
CA ALA A 360 19.65 -11.71 21.65
C ALA A 360 18.81 -10.60 22.29
N GLY A 361 18.98 -10.44 23.59
CA GLY A 361 18.08 -9.66 24.44
C GLY A 361 18.39 -8.18 24.38
N HIS A 362 19.61 -7.74 24.00
CA HIS A 362 20.00 -6.34 24.28
C HIS A 362 21.18 -5.81 23.44
N LEU A 363 21.02 -4.61 22.86
CA LEU A 363 22.15 -3.75 22.47
C LEU A 363 23.15 -4.56 21.62
N THR A 364 22.64 -5.26 20.62
CA THR A 364 23.41 -6.23 19.82
C THR A 364 23.19 -5.97 18.33
N TYR A 365 24.23 -6.20 17.55
CA TYR A 365 24.18 -6.18 16.07
C TYR A 365 24.62 -7.55 15.56
N ILE A 366 23.72 -8.20 14.83
CA ILE A 366 23.95 -9.50 14.13
C ILE A 366 23.78 -9.23 12.63
N GLY A 367 24.89 -9.22 11.91
CA GLY A 367 24.93 -8.96 10.46
C GLY A 367 25.68 -10.07 9.74
N ASN A 368 25.10 -10.58 8.64
CA ASN A 368 25.75 -11.58 7.76
CA ASN A 368 25.72 -11.58 7.74
C ASN A 368 26.22 -12.78 8.59
N CYS A 369 25.37 -13.25 9.50
CA CYS A 369 25.67 -14.39 10.39
C CYS A 369 24.73 -15.54 10.08
N GLU A 370 25.26 -16.74 10.18
CA GLU A 370 24.46 -17.99 10.22
C GLU A 370 24.54 -18.47 11.67
N VAL A 371 23.42 -18.39 12.39
CA VAL A 371 23.39 -18.67 13.85
C VAL A 371 22.52 -19.90 14.13
N GLY A 372 23.03 -20.80 14.96
CA GLY A 372 22.37 -22.05 15.34
C GLY A 372 21.32 -21.87 16.42
N SER A 373 20.90 -22.99 17.00
CA SER A 373 19.76 -23.06 17.97
C SER A 373 20.31 -22.90 19.39
N ASN A 374 19.53 -22.28 20.27
CA ASN A 374 19.81 -22.22 21.74
C ASN A 374 21.08 -21.40 21.96
N VAL A 375 21.41 -20.50 21.04
CA VAL A 375 22.55 -19.55 21.21
C VAL A 375 22.09 -18.42 22.16
N ASN A 376 23.02 -17.87 22.92
CA ASN A 376 22.79 -16.69 23.78
C ASN A 376 23.75 -15.60 23.35
N PHE A 377 23.24 -14.46 22.92
CA PHE A 377 24.05 -13.26 22.67
C PHE A 377 23.97 -12.37 23.92
N GLY A 378 25.09 -12.20 24.61
CA GLY A 378 25.21 -11.21 25.69
C GLY A 378 24.94 -9.80 25.19
N ALA A 379 24.39 -8.96 26.07
CA ALA A 379 24.13 -7.53 25.83
C ALA A 379 25.41 -6.87 25.31
N GLY A 380 25.35 -6.10 24.22
CA GLY A 380 26.49 -5.32 23.72
C GLY A 380 27.34 -6.08 22.70
N THR A 381 26.92 -7.27 22.27
CA THR A 381 27.66 -8.10 21.29
C THR A 381 27.56 -7.48 19.90
N ILE A 382 28.70 -7.34 19.24
CA ILE A 382 28.81 -6.79 17.86
C ILE A 382 29.44 -7.87 16.99
N THR A 383 28.73 -8.29 15.95
CA THR A 383 29.31 -9.06 14.82
C THR A 383 29.85 -8.04 13.84
N VAL A 384 31.16 -8.04 13.64
CA VAL A 384 31.86 -7.08 12.76
C VAL A 384 32.00 -7.76 11.39
N ASN A 385 31.35 -7.21 10.38
CA ASN A 385 31.16 -7.91 9.08
C ASN A 385 31.77 -7.12 7.91
N TYR A 386 32.30 -5.91 8.14
CA TYR A 386 32.66 -4.95 7.05
C TYR A 386 34.06 -4.36 7.33
N ASP A 387 34.90 -4.31 6.29
CA ASP A 387 36.29 -3.77 6.37
C ASP A 387 36.41 -2.44 5.60
N GLY A 388 35.30 -1.88 5.13
CA GLY A 388 35.31 -0.64 4.32
C GLY A 388 35.24 -0.92 2.83
N LYS A 389 35.27 -2.20 2.42
CA LYS A 389 35.15 -2.61 0.99
C LYS A 389 34.25 -3.85 0.89
N ASN A 390 34.60 -4.93 1.59
CA ASN A 390 33.90 -6.24 1.53
C ASN A 390 33.20 -6.54 2.86
N LYS A 391 32.15 -7.37 2.78
CA LYS A 391 31.42 -7.94 3.94
C LYS A 391 31.89 -9.38 4.13
N TYR A 392 31.93 -9.87 5.37
CA TYR A 392 32.39 -11.24 5.70
C TYR A 392 31.36 -11.94 6.57
N LYS A 393 31.21 -13.26 6.39
CA LYS A 393 30.21 -14.10 7.09
C LYS A 393 30.81 -14.66 8.39
N THR A 394 30.02 -14.67 9.46
CA THR A 394 30.34 -15.39 10.71
C THR A 394 29.35 -16.55 10.85
N VAL A 395 29.87 -17.71 11.24
CA VAL A 395 29.07 -18.93 11.48
C VAL A 395 29.10 -19.19 12.98
N ILE A 396 27.93 -19.26 13.62
CA ILE A 396 27.82 -19.54 15.07
C ILE A 396 27.01 -20.83 15.26
N GLY A 397 27.60 -21.80 15.96
CA GLY A 397 27.02 -23.14 16.15
C GLY A 397 25.94 -23.15 17.20
N ASP A 398 25.47 -24.34 17.58
CA ASP A 398 24.36 -24.50 18.56
C ASP A 398 24.90 -24.32 19.98
N ASN A 399 24.09 -23.74 20.88
CA ASN A 399 24.36 -23.67 22.34
C ASN A 399 25.60 -22.83 22.63
N VAL A 400 26.00 -21.97 21.69
CA VAL A 400 27.13 -21.04 21.87
C VAL A 400 26.69 -19.93 22.83
N PHE A 401 27.59 -19.52 23.71
CA PHE A 401 27.35 -18.41 24.66
C PHE A 401 28.27 -17.27 24.26
N VAL A 402 27.72 -16.24 23.63
CA VAL A 402 28.54 -15.10 23.17
C VAL A 402 28.52 -14.05 24.27
N GLY A 403 29.66 -13.89 24.95
CA GLY A 403 29.82 -12.98 26.09
C GLY A 403 29.39 -11.54 25.79
N SER A 404 28.89 -10.86 26.82
CA SER A 404 28.46 -9.45 26.71
C SER A 404 29.62 -8.60 26.23
N ASN A 405 29.35 -7.63 25.35
CA ASN A 405 30.31 -6.59 24.96
C ASN A 405 31.47 -7.21 24.15
N SER A 406 31.26 -8.36 23.52
CA SER A 406 32.27 -9.02 22.67
C SER A 406 32.16 -8.47 21.24
N THR A 407 33.27 -8.53 20.54
CA THR A 407 33.48 -7.99 19.18
C THR A 407 33.95 -9.16 18.35
N ILE A 408 33.06 -9.69 17.49
CA ILE A 408 33.33 -10.91 16.69
C ILE A 408 33.67 -10.44 15.27
N ILE A 409 34.94 -10.55 14.88
CA ILE A 409 35.43 -9.97 13.60
C ILE A 409 35.42 -11.08 12.54
N ALA A 410 34.39 -11.09 11.69
CA ALA A 410 34.25 -12.01 10.53
C ALA A 410 35.47 -11.93 9.60
N PRO A 411 35.81 -13.02 8.87
CA PRO A 411 35.08 -14.29 8.96
C PRO A 411 35.64 -15.20 10.04
N VAL A 412 34.83 -15.58 11.03
CA VAL A 412 35.21 -16.58 12.06
C VAL A 412 34.05 -17.56 12.21
N GLU A 413 34.32 -18.71 12.81
CA GLU A 413 33.32 -19.71 13.19
C GLU A 413 33.42 -19.91 14.71
N LEU A 414 32.30 -19.79 15.41
CA LEU A 414 32.21 -20.16 16.85
C LEU A 414 31.59 -21.56 16.90
N GLY A 415 32.36 -22.56 17.34
CA GLY A 415 31.94 -23.97 17.34
C GLY A 415 30.85 -24.23 18.35
N ASP A 416 30.11 -25.32 18.15
CA ASP A 416 29.02 -25.78 19.07
C ASP A 416 29.49 -25.70 20.53
N ASN A 417 28.62 -25.20 21.40
CA ASN A 417 28.79 -25.17 22.88
C ASN A 417 29.94 -24.25 23.33
N SER A 418 30.59 -23.49 22.43
CA SER A 418 31.71 -22.61 22.84
C SER A 418 31.18 -21.42 23.68
N LEU A 419 32.10 -20.79 24.41
CA LEU A 419 31.80 -19.53 25.12
C LEU A 419 32.87 -18.50 24.75
N VAL A 420 32.42 -17.30 24.39
CA VAL A 420 33.30 -16.12 24.22
C VAL A 420 33.21 -15.32 25.53
N GLY A 421 34.35 -15.09 26.18
CA GLY A 421 34.43 -14.30 27.41
C GLY A 421 33.88 -12.91 27.20
N ALA A 422 33.08 -12.40 28.14
CA ALA A 422 32.56 -11.02 28.04
C ALA A 422 33.72 -10.05 27.79
N GLY A 423 33.50 -9.04 26.95
CA GLY A 423 34.47 -7.97 26.67
C GLY A 423 35.55 -8.40 25.71
N SER A 424 35.44 -9.60 25.11
CA SER A 424 36.48 -10.18 24.22
C SER A 424 36.40 -9.62 22.80
N THR A 425 37.56 -9.36 22.20
CA THR A 425 37.71 -9.20 20.73
C THR A 425 38.14 -10.53 20.17
N ILE A 426 37.36 -11.06 19.23
CA ILE A 426 37.57 -12.39 18.61
C ILE A 426 37.98 -12.16 17.16
N THR A 427 39.21 -12.57 16.83
CA THR A 427 39.81 -12.46 15.47
C THR A 427 39.93 -13.84 14.81
N LYS A 428 39.79 -14.95 15.56
CA LYS A 428 40.10 -16.33 15.08
C LYS A 428 38.95 -17.26 15.45
N ASP A 429 38.79 -18.34 14.66
CA ASP A 429 37.81 -19.42 14.95
C ASP A 429 37.94 -19.89 16.41
N VAL A 430 36.82 -20.28 17.00
CA VAL A 430 36.76 -20.90 18.35
C VAL A 430 36.25 -22.32 18.18
N PRO A 431 37.07 -23.35 18.50
CA PRO A 431 36.62 -24.74 18.42
C PRO A 431 35.35 -25.01 19.24
N ALA A 432 34.60 -26.03 18.84
CA ALA A 432 33.46 -26.54 19.64
C ALA A 432 33.97 -26.92 21.03
N ASP A 433 33.20 -26.56 22.07
CA ASP A 433 33.44 -26.88 23.50
C ASP A 433 34.63 -26.09 24.07
N ALA A 434 35.21 -25.13 23.34
CA ALA A 434 36.30 -24.27 23.84
C ALA A 434 35.71 -23.03 24.54
N ILE A 435 36.53 -22.33 25.32
CA ILE A 435 36.27 -20.89 25.61
C ILE A 435 37.34 -20.07 24.90
N ALA A 436 36.99 -18.84 24.53
CA ALA A 436 37.90 -17.86 23.96
C ALA A 436 37.82 -16.60 24.81
N ILE A 437 38.97 -16.07 25.19
CA ILE A 437 39.06 -14.82 25.98
C ILE A 437 40.10 -13.91 25.34
N GLY A 438 39.70 -12.67 25.04
CA GLY A 438 40.54 -11.66 24.39
C GLY A 438 40.29 -10.31 25.02
N ARG A 439 40.77 -10.11 26.25
CA ARG A 439 40.51 -8.87 27.03
C ARG A 439 41.63 -8.66 28.05
N GLY A 440 41.79 -7.42 28.53
CA GLY A 440 42.77 -7.04 29.57
C GLY A 440 42.33 -7.59 30.91
N ARG A 441 43.28 -8.04 31.73
CA ARG A 441 43.05 -8.44 33.13
C ARG A 441 42.86 -7.18 33.99
N GLN A 442 41.91 -7.25 34.91
CA GLN A 442 41.56 -6.14 35.83
C GLN A 442 42.76 -5.90 36.79
N ILE A 443 43.16 -4.65 36.90
CA ILE A 443 44.13 -4.10 37.89
C ILE A 443 43.41 -3.06 38.73
N ASN A 444 43.46 -3.17 40.06
CA ASN A 444 42.89 -2.20 41.02
C ASN A 444 44.03 -1.32 41.56
N LYS A 445 43.77 -0.01 41.67
CA LYS A 445 44.71 0.99 42.25
C LYS A 445 44.06 1.67 43.45
N ASP A 446 44.50 1.35 44.67
CA ASP A 446 43.92 1.88 45.94
C ASP A 446 44.04 3.40 45.92
N GLU A 447 42.96 4.09 46.29
CA GLU A 447 42.87 5.54 46.63
C GLU A 447 43.04 6.42 45.39
N TYR A 448 43.28 5.86 44.21
CA TYR A 448 43.57 6.65 42.97
C TYR A 448 42.34 7.49 42.57
N ALA A 449 41.11 7.06 42.88
CA ALA A 449 39.88 7.80 42.50
C ALA A 449 39.90 9.17 43.20
N THR A 450 40.53 9.29 44.39
CA THR A 450 40.60 10.56 45.17
C THR A 450 41.29 11.64 44.32
N ARG A 451 42.07 11.25 43.31
CA ARG A 451 42.85 12.20 42.46
C ARG A 451 41.97 12.70 41.29
N LEU A 452 40.81 12.07 41.03
CA LEU A 452 40.09 12.25 39.72
C LEU A 452 38.86 13.16 39.87
N PRO A 453 38.48 13.87 38.77
CA PRO A 453 37.46 14.92 38.82
C PRO A 453 36.04 14.51 39.25
N HIS A 454 35.67 13.23 39.14
CA HIS A 454 34.34 12.73 39.58
C HIS A 454 34.28 12.65 41.10
N HIS A 455 35.43 12.58 41.79
CA HIS A 455 35.47 12.25 43.24
C HIS A 455 34.82 13.38 44.02
N PRO A 456 33.90 13.06 44.96
CA PRO A 456 33.32 14.08 45.85
C PRO A 456 34.34 15.04 46.46
N LYS A 457 35.52 14.53 46.86
CA LYS A 457 36.61 15.33 47.50
C LYS A 457 37.13 16.39 46.53
N ASN A 458 36.85 16.28 45.23
CA ASN A 458 37.32 17.24 44.18
C ASN A 458 36.14 18.08 43.67
N GLN A 459 35.01 18.07 44.39
CA GLN A 459 33.89 19.01 44.15
C GLN A 459 33.23 19.37 45.49
#